data_6GAI
#
_entry.id   6GAI
#
_cell.length_a   62.100
_cell.length_b   62.100
_cell.length_c   110.500
_cell.angle_alpha   90.00
_cell.angle_beta   90.00
_cell.angle_gamma   120.00
#
_symmetry.space_group_name_H-M   'P 63'
#
loop_
_entity.id
_entity.type
_entity.pdbx_description
1 polymer Bacteriorhodopsin
2 non-polymer RETINAL
3 non-polymer 2,3-DI-PHYTANYL-GLYCEROL
4 non-polymer TRIDECANE
5 non-polymer DECANE
6 non-polymer HEPTANE
7 non-polymer N-OCTANE
8 non-polymer PENTADECANE
9 non-polymer UNDECANE
10 non-polymer nonane
11 non-polymer TETRADECANE
12 water water
#
_entity_poly.entity_id   1
_entity_poly.type   'polypeptide(L)'
_entity_poly.pdbx_seq_one_letter_code
;QAQITGRPEWIWLALGTALMGLGTLYFLVKGMGVSDPDAKKFYAITTLVPAIAFTMYLSMLLGYGLTMVPFGGEQNPIYW
ARYADWLFTTPLLLLDLALLVDADQGTILALVGADGIMIGTGLVGALTKVYSYRFVWWAISTAAMLYILYVLFFGFTSKA
ESMRPEVASTFKVLRNVTVVLWSAYPVVWLIGSEGAGIVPLNIETLLFMVLDVSAKVGFGLILLRSRAIFGEAEAPEPSA
GDGAAATSD
;
_entity_poly.pdbx_strand_id   A
#
loop_
_chem_comp.id
_chem_comp.type
_chem_comp.name
_chem_comp.formula
C14 non-polymer TETRADECANE 'C14 H30'
D10 non-polymer DECANE 'C10 H22'
DD9 non-polymer nonane 'C9 H20'
HP6 non-polymer HEPTANE 'C7 H16'
L2P non-polymer 2,3-DI-PHYTANYL-GLYCEROL 'C43 H88 O3'
MYS non-polymer PENTADECANE 'C15 H32'
OCT non-polymer N-OCTANE 'C8 H18'
RET non-polymer RETINAL 'C20 H28 O'
TRD non-polymer TRIDECANE 'C13 H28'
UND non-polymer UNDECANE 'C11 H24'
#
# COMPACT_ATOMS: atom_id res chain seq x y z
N ILE A 4 -14.75 -4.26 -21.44
N ILE A 4 -14.43 -4.37 -21.11
CA ILE A 4 -14.36 -4.33 -20.03
CA ILE A 4 -14.51 -4.55 -19.67
C ILE A 4 -14.68 -5.72 -19.47
C ILE A 4 -14.87 -5.99 -19.35
N THR A 5 -15.92 -6.17 -19.65
N THR A 5 -16.06 -6.41 -19.80
CA THR A 5 -16.35 -7.47 -19.12
CA THR A 5 -16.60 -7.72 -19.46
C THR A 5 -15.67 -8.64 -19.82
C THR A 5 -15.85 -8.89 -20.08
N GLY A 6 -14.85 -8.36 -20.81
N GLY A 6 -14.95 -8.66 -21.03
CA GLY A 6 -14.15 -9.41 -21.55
CA GLY A 6 -14.19 -9.72 -21.65
C GLY A 6 -13.09 -10.09 -20.72
C GLY A 6 -13.11 -10.32 -20.78
N ARG A 7 -12.72 -9.48 -19.60
N ARG A 7 -12.76 -9.67 -19.66
CA ARG A 7 -11.70 -10.03 -18.71
CA ARG A 7 -11.77 -10.19 -18.74
C ARG A 7 -12.37 -10.51 -17.43
C ARG A 7 -12.45 -10.70 -17.49
N PRO A 8 -12.15 -11.78 -17.06
N PRO A 8 -12.13 -11.91 -17.01
CA PRO A 8 -12.89 -12.32 -15.91
CA PRO A 8 -12.84 -12.45 -15.84
C PRO A 8 -12.60 -11.59 -14.61
C PRO A 8 -12.53 -11.75 -14.53
N GLU A 9 -11.41 -10.99 -14.49
N GLU A 9 -11.46 -10.95 -14.47
CA GLU A 9 -11.06 -10.25 -13.29
CA GLU A 9 -11.10 -10.25 -13.25
C GLU A 9 -11.73 -8.86 -13.17
C GLU A 9 -11.84 -8.93 -13.06
N TRP A 10 -12.53 -8.47 -14.17
N TRP A 10 -12.68 -8.54 -14.05
CA TRP A 10 -13.15 -7.14 -14.17
CA TRP A 10 -13.23 -7.19 -14.13
C TRP A 10 -14.00 -6.89 -12.93
C TRP A 10 -14.03 -6.81 -12.89
N ILE A 11 -14.68 -7.92 -12.43
N ILE A 11 -14.78 -7.80 -12.35
CA ILE A 11 -15.56 -7.73 -11.29
CA ILE A 11 -15.67 -7.56 -11.22
C ILE A 11 -14.81 -7.25 -10.05
C ILE A 11 -14.87 -7.12 -10.01
N TRP A 12 -13.58 -7.72 -9.87
N TRP A 12 -13.71 -7.75 -9.78
CA TRP A 12 -12.81 -7.35 -8.69
CA TRP A 12 -12.90 -7.36 -8.64
C TRP A 12 -12.20 -5.95 -8.87
C TRP A 12 -12.32 -5.98 -8.84
N LEU A 13 -11.84 -5.61 -10.11
N LEU A 13 -11.88 -5.68 -10.07
CA LEU A 13 -11.39 -4.25 -10.42
CA LEU A 13 -11.45 -4.34 -10.42
C LEU A 13 -12.51 -3.25 -10.19
C LEU A 13 -12.56 -3.34 -10.18
N ALA A 14 -13.74 -3.63 -10.56
N ALA A 14 -13.79 -3.69 -10.61
CA ALA A 14 -14.88 -2.74 -10.37
CA ALA A 14 -14.93 -2.80 -10.43
C ALA A 14 -15.21 -2.56 -8.89
C ALA A 14 -15.22 -2.60 -8.96
N LEU A 15 -15.17 -3.65 -8.14
N LEU A 15 -15.18 -3.70 -8.20
CA LEU A 15 -15.45 -3.58 -6.71
CA LEU A 15 -15.48 -3.61 -6.78
C LEU A 15 -14.36 -2.77 -6.04
C LEU A 15 -14.41 -2.80 -6.07
N GLY A 16 -13.11 -2.98 -6.45
N GLY A 16 -13.16 -2.98 -6.51
CA GLY A 16 -12.01 -2.22 -5.88
CA GLY A 16 -12.05 -2.24 -5.92
C GLY A 16 -12.17 -0.73 -6.14
C GLY A 16 -12.20 -0.76 -6.16
N THR A 17 -12.55 -0.40 -7.37
N THR A 17 -12.62 -0.40 -7.39
CA THR A 17 -12.76 1.00 -7.73
CA THR A 17 -12.82 1.00 -7.75
C THR A 17 -13.83 1.62 -6.83
C THR A 17 -13.88 1.61 -6.86
N ALA A 18 -14.93 0.89 -6.66
N ALA A 18 -14.98 0.87 -6.66
CA ALA A 18 -16.06 1.39 -5.87
CA ALA A 18 -16.07 1.37 -5.85
C ALA A 18 -15.68 1.61 -4.41
C ALA A 18 -15.63 1.55 -4.41
N LEU A 19 -14.99 0.64 -3.83
N LEU A 19 -14.90 0.56 -3.89
CA LEU A 19 -14.63 0.71 -2.43
CA LEU A 19 -14.52 0.59 -2.49
C LEU A 19 -13.60 1.81 -2.17
C LEU A 19 -13.45 1.65 -2.25
N MET A 20 -12.67 2.01 -3.10
N MET A 20 -12.72 2.04 -3.28
CA MET A 20 -11.70 3.11 -2.93
CA MET A 20 -11.76 3.11 -3.05
C MET A 20 -12.40 4.45 -3.09
C MET A 20 -12.50 4.45 -3.05
N GLY A 21 -13.35 4.51 -4.02
N GLY A 21 -13.44 4.60 -3.99
CA GLY A 21 -14.10 5.73 -4.26
CA GLY A 21 -14.05 5.91 -4.19
C GLY A 21 -14.90 6.10 -3.03
C GLY A 21 -14.92 6.31 -3.02
N LEU A 22 -15.64 5.13 -2.52
N LEU A 22 -15.81 5.40 -2.61
CA LEU A 22 -16.44 5.32 -1.30
CA LEU A 22 -16.59 5.54 -1.39
C LEU A 22 -15.57 5.67 -0.09
C LEU A 22 -15.71 5.87 -0.20
N GLY A 23 -14.45 4.98 0.07
N GLY A 23 -14.58 5.14 -0.06
CA GLY A 23 -13.52 5.29 1.14
CA GLY A 23 -13.69 5.37 1.06
C GLY A 23 -12.99 6.71 1.05
C GLY A 23 -13.11 6.76 1.04
N THR A 24 -12.61 7.14 -0.15
N THR A 24 -12.73 7.23 -0.17
CA THR A 24 -12.16 8.52 -0.39
CA THR A 24 -12.23 8.59 -0.35
C THR A 24 -13.20 9.56 0.04
C THR A 24 -13.27 9.60 0.11
N LEU A 25 -14.44 9.37 -0.40
N LEU A 25 -14.51 9.40 -0.35
CA LEU A 25 -15.52 10.29 -0.06
CA LEU A 25 -15.59 10.33 -0.05
C LEU A 25 -15.77 10.33 1.43
C LEU A 25 -15.84 10.38 1.45
N TYR A 26 -15.78 9.17 2.07
N TYR A 26 -15.75 9.21 2.11
CA TYR A 26 -16.00 9.11 3.51
CA TYR A 26 -16.04 9.15 3.54
C TYR A 26 -14.92 9.89 4.28
C TYR A 26 -15.00 9.95 4.32
N PHE A 27 -13.65 9.66 3.96
N PHE A 27 -13.72 9.76 3.96
CA PHE A 27 -12.60 10.39 4.67
CA PHE A 27 -12.65 10.49 4.63
C PHE A 27 -12.66 11.88 4.37
C PHE A 27 -12.75 11.97 4.33
N LEU A 28 -13.01 12.25 3.14
N LEU A 28 -13.18 12.30 3.10
CA LEU A 28 -13.11 13.66 2.77
CA LEU A 28 -13.29 13.69 2.70
C LEU A 28 -14.17 14.38 3.60
C LEU A 28 -14.44 14.37 3.45
N VAL A 29 -15.34 13.78 3.70
N VAL A 29 -15.47 13.61 3.78
CA VAL A 29 -16.44 14.36 4.48
CA VAL A 29 -16.55 14.19 4.58
C VAL A 29 -16.06 14.40 5.96
C VAL A 29 -16.11 14.25 6.04
N LYS A 30 -15.50 13.31 6.46
N LYS A 30 -15.29 13.29 6.46
CA LYS A 30 -15.13 13.22 7.88
CA LYS A 30 -14.99 13.16 7.88
C LYS A 30 -14.13 14.31 8.28
C LYS A 30 -13.99 14.21 8.33
N GLY A 31 -13.25 14.71 7.37
N GLY A 31 -13.18 14.73 7.41
CA GLY A 31 -12.22 15.66 7.71
CA GLY A 31 -12.20 15.74 7.69
C GLY A 31 -12.61 17.11 7.53
C GLY A 31 -12.66 17.18 7.55
N MET A 32 -13.85 17.33 7.12
N MET A 32 -13.93 17.39 7.21
CA MET A 32 -14.36 18.69 6.90
CA MET A 32 -14.43 18.75 7.01
C MET A 32 -14.40 19.46 8.22
C MET A 32 -14.46 19.55 8.31
N GLY A 33 -14.82 18.79 9.28
N GLY A 33 -14.79 18.89 9.42
CA GLY A 33 -14.87 19.43 10.59
CA GLY A 33 -14.79 19.54 10.71
C GLY A 33 -13.58 19.32 11.38
C GLY A 33 -13.49 19.37 11.47
N VAL A 34 -12.44 19.64 10.76
N VAL A 34 -12.37 19.70 10.85
CA VAL A 34 -11.15 19.54 11.45
CA VAL A 34 -11.05 19.55 11.46
C VAL A 34 -10.32 20.82 11.32
C VAL A 34 -10.30 20.87 11.30
N SER A 35 -9.95 21.41 12.46
N SER A 35 -9.85 21.44 12.42
CA SER A 35 -9.13 22.62 12.44
CA SER A 35 -9.02 22.64 12.40
C SER A 35 -7.76 22.41 13.05
C SER A 35 -7.66 22.45 13.06
N ASP A 36 -7.63 21.39 13.89
N ASP A 36 -7.48 21.36 13.83
CA ASP A 36 -6.35 21.08 14.52
CA ASP A 36 -6.21 21.05 14.47
C ASP A 36 -5.29 20.78 13.46
C ASP A 36 -5.17 20.69 13.41
N PRO A 37 -4.17 21.53 13.48
N PRO A 37 -3.97 21.30 13.43
CA PRO A 37 -3.10 21.41 12.48
CA PRO A 37 -3.03 21.12 12.31
C PRO A 37 -2.48 20.01 12.40
C PRO A 37 -2.46 19.71 12.18
N ASP A 38 -2.36 19.30 13.52
N ASP A 38 -2.16 19.03 13.29
CA ASP A 38 -1.85 17.95 13.50
CA ASP A 38 -1.69 17.64 13.21
C ASP A 38 -2.82 17.00 12.81
C ASP A 38 -2.76 16.73 12.62
N ALA A 39 -4.10 17.08 13.19
N ALA A 39 -4.01 16.91 13.08
CA ALA A 39 -5.10 16.20 12.62
CA ALA A 39 -5.11 16.13 12.53
C ALA A 39 -5.24 16.41 11.11
C ALA A 39 -5.34 16.44 11.06
N LYS A 40 -5.10 17.66 10.68
N LYS A 40 -5.10 17.70 10.65
CA LYS A 40 -5.18 18.01 9.27
CA LYS A 40 -5.22 18.06 9.24
C LYS A 40 -4.12 17.25 8.45
C LYS A 40 -4.15 17.37 8.39
N LYS A 41 -2.93 17.08 9.02
N LYS A 41 -2.93 17.23 8.93
CA LYS A 41 -1.86 16.33 8.36
CA LYS A 41 -1.89 16.46 8.24
C LYS A 41 -2.28 14.88 8.12
C LYS A 41 -2.30 14.99 8.05
N PHE A 42 -2.76 14.23 9.18
N PHE A 42 -2.80 14.38 9.13
CA PHE A 42 -3.20 12.84 9.05
CA PHE A 42 -3.18 12.96 9.05
C PHE A 42 -4.39 12.68 8.12
C PHE A 42 -4.37 12.75 8.11
N TYR A 43 -5.34 13.61 8.15
N TYR A 43 -5.33 13.68 8.12
CA TYR A 43 -6.48 13.53 7.22
CA TYR A 43 -6.48 13.58 7.23
C TYR A 43 -6.03 13.69 5.78
C TYR A 43 -6.07 13.78 5.77
N ALA A 44 -5.10 14.61 5.55
N ALA A 44 -5.14 14.71 5.51
CA ALA A 44 -4.60 14.88 4.19
CA ALA A 44 -4.66 14.93 4.15
C ALA A 44 -3.93 13.64 3.61
C ALA A 44 -4.00 13.69 3.57
N ILE A 45 -2.98 13.12 4.36
N ILE A 45 -3.07 13.10 4.33
CA ILE A 45 -2.23 11.92 3.97
CA ILE A 45 -2.36 11.89 3.87
C ILE A 45 -3.19 10.75 3.74
C ILE A 45 -3.34 10.73 3.69
N THR A 46 -4.10 10.56 4.69
N THR A 46 -4.17 10.49 4.71
CA THR A 46 -4.92 9.35 4.69
CA THR A 46 -5.06 9.34 4.73
C THR A 46 -6.04 9.39 3.66
C THR A 46 -6.19 9.47 3.71
N THR A 47 -6.49 10.58 3.30
N THR A 47 -6.56 10.69 3.32
CA THR A 47 -7.52 10.72 2.26
CA THR A 47 -7.53 10.86 2.26
C THR A 47 -6.90 10.56 0.87
C THR A 47 -6.89 10.78 0.87
N LEU A 48 -5.67 11.02 0.71
N LEU A 48 -5.62 11.21 0.76
CA LEU A 48 -4.99 10.94 -0.58
CA LEU A 48 -4.92 11.13 -0.52
C LEU A 48 -4.75 9.50 -1.01
C LEU A 48 -4.69 9.68 -0.95
N VAL A 49 -4.48 8.63 -0.04
N VAL A 49 -4.51 8.75 0.01
CA VAL A 49 -4.17 7.22 -0.31
CA VAL A 49 -4.21 7.36 -0.35
C VAL A 49 -5.29 6.51 -1.11
C VAL A 49 -5.30 6.67 -1.17
N PRO A 50 -6.55 6.51 -0.63
N PRO A 50 -6.58 6.58 -0.73
CA PRO A 50 -7.55 5.81 -1.47
CA PRO A 50 -7.56 5.87 -1.56
C PRO A 50 -7.92 6.62 -2.71
C PRO A 50 -8.01 6.66 -2.79
N ALA A 51 -7.67 7.92 -2.72
N ALA A 51 -7.78 7.98 -2.85
CA ALA A 51 -7.97 8.72 -3.89
CA ALA A 51 -8.07 8.72 -4.08
C ALA A 51 -7.04 8.32 -5.03
C ALA A 51 -7.13 8.29 -5.22
N ILE A 52 -5.76 8.18 -4.73
N ILE A 52 -5.83 8.20 -4.93
CA ILE A 52 -4.80 7.70 -5.74
CA ILE A 52 -4.86 7.68 -5.89
C ILE A 52 -5.15 6.28 -6.18
C ILE A 52 -5.18 6.24 -6.24
N ALA A 53 -5.46 5.42 -5.22
N ALA A 53 -5.51 5.42 -5.23
CA ALA A 53 -5.79 4.03 -5.54
CA ALA A 53 -5.89 4.02 -5.48
C ALA A 53 -7.06 3.97 -6.40
C ALA A 53 -7.14 3.92 -6.34
N PHE A 54 -8.05 4.82 -6.11
N PHE A 54 -8.07 4.87 -6.19
CA PHE A 54 -9.25 4.90 -6.94
CA PHE A 54 -9.28 4.93 -7.00
C PHE A 54 -8.91 5.15 -8.41
C PHE A 54 -8.95 5.18 -8.46
N THR A 55 -8.01 6.09 -8.68
N THR A 55 -8.10 6.17 -8.74
CA THR A 55 -7.70 6.43 -10.07
CA THR A 55 -7.71 6.47 -10.11
C THR A 55 -7.02 5.26 -10.77
C THR A 55 -7.02 5.30 -10.77
N MET A 56 -6.19 4.51 -10.06
N MET A 56 -6.16 4.61 -10.02
CA MET A 56 -5.41 3.47 -10.69
CA MET A 56 -5.44 3.49 -10.64
C MET A 56 -6.24 2.21 -10.83
C MET A 56 -6.30 2.25 -10.83
N TYR A 57 -7.16 1.95 -9.89
N TYR A 57 -7.23 1.98 -9.90
CA TYR A 57 -8.12 0.87 -10.06
CA TYR A 57 -8.18 0.89 -10.09
C TYR A 57 -8.98 1.14 -11.28
C TYR A 57 -9.11 1.17 -11.27
N LEU A 58 -9.41 2.39 -11.43
N LEU A 58 -9.50 2.44 -11.45
CA LEU A 58 -10.24 2.75 -12.60
CA LEU A 58 -10.31 2.80 -12.61
C LEU A 58 -9.46 2.54 -13.89
C LEU A 58 -9.53 2.61 -13.91
N SER A 59 -8.16 2.88 -13.89
N SER A 59 -8.25 2.98 -13.92
CA SER A 59 -7.36 2.73 -15.11
CA SER A 59 -7.42 2.77 -15.11
C SER A 59 -7.22 1.26 -15.46
C SER A 59 -7.24 1.30 -15.42
N MET A 60 -7.21 0.39 -14.43
N MET A 60 -7.19 0.44 -14.39
CA MET A 60 -7.13 -1.04 -14.69
CA MET A 60 -7.12 -0.99 -14.64
C MET A 60 -8.46 -1.56 -15.20
C MET A 60 -8.46 -1.53 -15.14
N LEU A 61 -9.55 -1.09 -14.62
N LEU A 61 -9.56 -1.01 -14.62
CA LEU A 61 -10.90 -1.48 -15.07
CA LEU A 61 -10.88 -1.44 -15.05
C LEU A 61 -11.14 -1.14 -16.54
C LEU A 61 -11.13 -1.08 -16.52
N LEU A 62 -10.74 0.06 -16.96
N LEU A 62 -10.75 0.13 -16.92
CA LEU A 62 -10.98 0.57 -18.31
CA LEU A 62 -10.97 0.59 -18.29
C LEU A 62 -9.94 0.03 -19.30
C LEU A 62 -9.93 0.06 -19.27
N GLY A 63 -8.89 -0.59 -18.78
N GLY A 63 -8.89 -0.63 -18.80
CA GLY A 63 -7.92 -1.29 -19.61
CA GLY A 63 -7.92 -1.25 -19.67
C GLY A 63 -6.65 -0.51 -19.88
C GLY A 63 -6.67 -0.45 -19.93
N TYR A 64 -6.58 0.73 -19.39
N TYR A 64 -6.57 0.77 -19.43
CA TYR A 64 -5.42 1.56 -19.65
CA TYR A 64 -5.38 1.58 -19.65
C TYR A 64 -4.19 1.05 -18.89
C TYR A 64 -4.19 1.06 -18.87
N GLY A 65 -4.41 0.51 -17.70
N GLY A 65 -4.42 0.55 -17.66
CA GLY A 65 -3.32 0.18 -16.81
CA GLY A 65 -3.34 0.19 -16.76
C GLY A 65 -2.83 -1.25 -16.95
C GLY A 65 -2.80 -1.21 -16.95
N LEU A 66 -3.02 -1.80 -18.15
N LEU A 66 -3.07 -1.82 -18.11
CA LEU A 66 -2.65 -3.18 -18.47
CA LEU A 66 -2.63 -3.16 -18.44
C LEU A 66 -1.69 -3.19 -19.64
C LEU A 66 -1.68 -3.11 -19.63
N THR A 67 -0.65 -4.02 -19.57
N THR A 67 -0.68 -3.98 -19.63
CA THR A 67 0.19 -4.23 -20.74
CA THR A 67 0.16 -4.20 -20.80
C THR A 67 0.51 -5.71 -20.90
C THR A 67 0.39 -5.70 -20.97
N MET A 68 0.99 -6.09 -22.07
N MET A 68 0.93 -6.07 -22.12
CA MET A 68 1.34 -7.49 -22.32
CA MET A 68 1.31 -7.46 -22.39
C MET A 68 2.84 -7.66 -22.28
C MET A 68 2.82 -7.57 -22.33
N VAL A 69 3.32 -8.64 -21.51
N VAL A 69 3.32 -8.52 -21.56
CA VAL A 69 4.75 -8.88 -21.38
CA VAL A 69 4.74 -8.75 -21.41
C VAL A 69 5.10 -10.29 -21.83
C VAL A 69 5.06 -10.17 -21.86
N PRO A 70 5.96 -10.41 -22.84
N PRO A 70 5.93 -10.36 -22.84
CA PRO A 70 6.40 -11.73 -23.29
CA PRO A 70 6.29 -11.73 -23.24
C PRO A 70 7.39 -12.37 -22.32
C PRO A 70 7.34 -12.33 -22.32
N PHE A 71 6.97 -13.48 -21.71
N PHE A 71 6.97 -13.44 -21.69
CA PHE A 71 7.90 -14.39 -21.04
CA PHE A 71 7.95 -14.32 -21.06
C PHE A 71 7.27 -15.77 -20.96
C PHE A 71 7.42 -15.75 -21.08
N GLY A 72 8.12 -16.79 -20.86
N GLY A 72 8.35 -16.69 -20.97
CA GLY A 72 7.65 -18.16 -20.85
CA GLY A 72 8.04 -18.11 -21.02
C GLY A 72 6.98 -18.54 -22.17
C GLY A 72 7.47 -18.59 -22.33
N GLY A 73 7.33 -17.81 -23.22
N GLY A 73 7.66 -17.84 -23.41
CA GLY A 73 6.78 -18.06 -24.55
CA GLY A 73 7.02 -18.15 -24.67
C GLY A 73 5.33 -17.64 -24.70
C GLY A 73 5.57 -17.72 -24.75
N GLU A 74 4.86 -16.78 -23.82
N GLU A 74 5.10 -16.93 -23.78
CA GLU A 74 3.47 -16.37 -23.82
CA GLU A 74 3.71 -16.50 -23.75
C GLU A 74 3.36 -14.85 -23.73
C GLU A 74 3.64 -14.99 -23.56
N GLN A 75 2.22 -14.30 -24.14
N GLN A 75 2.51 -14.43 -24.00
CA GLN A 75 1.92 -12.89 -23.86
CA GLN A 75 2.18 -13.03 -23.75
C GLN A 75 1.17 -12.85 -22.54
C GLN A 75 1.32 -12.97 -22.49
N ASN A 76 1.83 -12.31 -21.52
N ASN A 76 1.84 -12.35 -21.44
CA ASN A 76 1.28 -12.34 -20.18
CA ASN A 76 1.19 -12.38 -20.15
C ASN A 76 0.71 -10.99 -19.79
C ASN A 76 0.64 -11.01 -19.81
N PRO A 77 -0.58 -10.95 -19.42
N PRO A 77 -0.60 -10.92 -19.36
CA PRO A 77 -1.20 -9.70 -18.97
CA PRO A 77 -1.15 -9.61 -18.95
C PRO A 77 -0.62 -9.20 -17.64
C PRO A 77 -0.55 -9.18 -17.63
N ILE A 78 -0.02 -8.01 -17.66
N ILE A 78 0.09 -8.01 -17.63
CA ILE A 78 0.57 -7.41 -16.48
CA ILE A 78 0.65 -7.41 -16.42
C ILE A 78 -0.10 -6.05 -16.21
C ILE A 78 -0.03 -6.08 -16.21
N TYR A 79 -0.73 -5.94 -15.06
N TYR A 79 -0.71 -5.94 -15.07
CA TYR A 79 -1.30 -4.67 -14.65
CA TYR A 79 -1.29 -4.66 -14.69
C TYR A 79 -0.22 -3.78 -14.04
C TYR A 79 -0.19 -3.81 -14.05
N TRP A 80 0.32 -2.88 -14.86
N TRP A 80 0.39 -2.91 -14.84
CA TRP A 80 1.42 -2.04 -14.41
CA TRP A 80 1.46 -2.06 -14.33
C TRP A 80 0.94 -0.91 -13.52
C TRP A 80 0.96 -0.96 -13.40
N ALA A 81 -0.36 -0.61 -13.59
N ALA A 81 -0.33 -0.59 -13.51
CA ALA A 81 -0.91 0.52 -12.83
CA ALA A 81 -0.87 0.55 -12.79
C ALA A 81 -0.81 0.31 -11.33
C ALA A 81 -0.83 0.38 -11.28
N ARG A 82 -0.76 -0.94 -10.89
N ARG A 82 -0.84 -0.87 -10.80
CA ARG A 82 -0.54 -1.24 -9.47
CA ARG A 82 -0.64 -1.19 -9.39
C ARG A 82 0.71 -0.55 -8.94
C ARG A 82 0.63 -0.54 -8.86
N TYR A 83 1.78 -0.56 -9.72
N TYR A 83 1.73 -0.64 -9.61
CA TYR A 83 3.04 0.00 -9.23
CA TYR A 83 2.99 -0.05 -9.19
C TYR A 83 3.00 1.52 -9.19
C TYR A 83 2.91 1.47 -9.18
N ALA A 84 2.26 2.11 -10.12
N ALA A 84 2.17 2.06 -10.14
CA ALA A 84 2.05 3.56 -10.13
CA ALA A 84 1.97 3.50 -10.13
C ALA A 84 1.30 4.00 -8.88
C ALA A 84 1.08 3.91 -8.96
N ASP A 85 0.31 3.19 -8.50
N ASP A 85 0.22 3.00 -8.52
CA ASP A 85 -0.45 3.39 -7.27
CA ASP A 85 -0.45 3.15 -7.24
C ASP A 85 0.53 3.31 -6.10
C ASP A 85 0.57 3.18 -6.12
N TRP A 86 1.14 2.15 -5.97
N TRP A 86 1.35 2.09 -6.01
CA TRP A 86 1.96 1.80 -4.81
CA TRP A 86 2.03 1.79 -4.77
C TRP A 86 3.16 2.74 -4.64
C TRP A 86 3.18 2.74 -4.52
N LEU A 87 3.72 3.22 -5.76
N LEU A 87 3.81 3.19 -5.61
CA LEU A 87 4.82 4.18 -5.70
CA LEU A 87 4.89 4.18 -5.58
C LEU A 87 4.50 5.39 -4.82
C LEU A 87 4.47 5.46 -4.85
N PHE A 88 3.25 5.86 -4.90
N PHE A 88 3.20 5.84 -4.96
CA PHE A 88 2.84 7.03 -4.14
CA PHE A 88 2.75 7.01 -4.23
C PHE A 88 2.11 6.66 -2.84
C PHE A 88 2.04 6.66 -2.93
N THR A 89 1.33 5.59 -2.83
N THR A 89 1.47 5.46 -2.81
CA THR A 89 0.52 5.33 -1.62
CA THR A 89 0.60 5.25 -1.65
C THR A 89 1.30 4.63 -0.52
C THR A 89 1.34 4.58 -0.49
N THR A 90 2.29 3.81 -0.86
N THR A 90 2.29 3.71 -0.78
CA THR A 90 3.00 3.13 0.23
CA THR A 90 3.06 3.07 0.28
C THR A 90 3.91 4.10 1.03
C THR A 90 3.97 4.01 1.08
N PRO A 91 4.55 5.09 0.37
N PRO A 91 4.64 5.05 0.52
CA PRO A 91 5.25 6.01 1.27
CA PRO A 91 5.33 5.98 1.42
C PRO A 91 4.33 6.91 2.08
C PRO A 91 4.38 6.82 2.25
N LEU A 92 3.14 7.22 1.57
N LEU A 92 3.24 7.22 1.68
CA LEU A 92 2.16 8.00 2.33
CA LEU A 92 2.25 8.02 2.40
C LEU A 92 1.71 7.21 3.55
C LEU A 92 1.74 7.30 3.65
N LEU A 93 1.48 5.91 3.38
N LEU A 93 1.37 6.02 3.51
CA LEU A 93 1.11 5.06 4.51
CA LEU A 93 1.01 5.20 4.65
C LEU A 93 2.23 5.02 5.58
C LEU A 93 2.15 5.10 5.65
N LEU A 94 3.47 4.89 5.15
N LEU A 94 3.39 4.95 5.15
CA LEU A 94 4.62 4.93 6.06
CA LEU A 94 4.55 4.93 6.03
C LEU A 94 4.74 6.28 6.75
C LEU A 94 4.71 6.25 6.75
N LEU A 95 4.48 7.36 6.00
N LEU A 95 4.40 7.35 6.04
CA LEU A 95 4.49 8.70 6.60
CA LEU A 95 4.45 8.67 6.65
C LEU A 95 3.46 8.83 7.72
C LEU A 95 3.42 8.79 7.77
N ASP A 96 2.24 8.29 7.53
N ASP A 96 2.26 8.16 7.58
CA ASP A 96 1.24 8.25 8.60
CA ASP A 96 1.22 8.09 8.62
C ASP A 96 1.82 7.61 9.85
C ASP A 96 1.75 7.44 9.88
N LEU A 97 2.48 6.47 9.68
N LEU A 97 2.58 6.41 9.72
CA LEU A 97 3.08 5.79 10.82
CA LEU A 97 3.17 5.78 10.89
C LEU A 97 4.19 6.62 11.44
C LEU A 97 4.25 6.68 11.48
N ALA A 98 5.08 7.14 10.62
N ALA A 98 5.05 7.32 10.61
CA ALA A 98 6.25 7.90 11.10
CA ALA A 98 6.24 8.03 11.09
C ALA A 98 5.87 9.18 11.84
C ALA A 98 5.86 9.32 11.80
N LEU A 99 4.82 9.87 11.38
N LEU A 99 4.75 9.95 11.39
CA LEU A 99 4.38 11.11 12.04
CA LEU A 99 4.28 11.12 12.09
C LEU A 99 3.71 10.81 13.37
C LEU A 99 3.66 10.76 13.43
N LEU A 100 3.03 9.67 13.44
N LEU A 100 3.26 9.49 13.60
CA LEU A 100 2.38 9.23 14.65
CA LEU A 100 2.61 9.09 14.85
C LEU A 100 3.37 9.16 15.82
C LEU A 100 3.60 8.95 15.99
N VAL A 101 4.58 8.66 15.53
N VAL A 101 4.78 8.40 15.72
CA VAL A 101 5.60 8.48 16.57
CA VAL A 101 5.82 8.22 16.72
C VAL A 101 6.67 9.56 16.57
C VAL A 101 6.74 9.43 16.82
N ASP A 102 6.47 10.61 15.79
N ASP A 102 6.46 10.48 16.03
CA ASP A 102 7.40 11.73 15.68
CA ASP A 102 7.35 11.63 15.82
C ASP A 102 8.80 11.24 15.31
C ASP A 102 8.76 11.17 15.46
N ALA A 103 8.87 10.43 14.26
N ALA A 103 8.85 10.46 14.34
CA ALA A 103 10.13 9.90 13.79
CA ALA A 103 10.14 9.94 13.89
C ALA A 103 11.06 11.03 13.39
C ALA A 103 11.04 11.08 13.43
N ASP A 104 12.35 10.83 13.61
N ASP A 104 12.34 10.89 13.61
CA ASP A 104 13.38 11.75 13.15
CA ASP A 104 13.31 11.86 13.12
C ASP A 104 13.47 11.74 11.63
C ASP A 104 13.40 11.77 11.59
N GLN A 105 14.00 12.81 11.05
N GLN A 105 14.02 12.81 11.01
CA GLN A 105 14.02 12.98 9.60
CA GLN A 105 13.99 13.00 9.56
C GLN A 105 14.86 11.93 8.87
C GLN A 105 14.77 11.91 8.82
N GLY A 106 15.97 11.51 9.47
N GLY A 106 15.87 11.44 9.44
CA GLY A 106 16.84 10.51 8.86
CA GLY A 106 16.69 10.43 8.78
C GLY A 106 16.12 9.19 8.69
C GLY A 106 15.99 9.09 8.66
N THR A 107 15.35 8.81 9.70
N THR A 107 15.23 8.72 9.69
CA THR A 107 14.61 7.56 9.69
CA THR A 107 14.47 7.47 9.65
C THR A 107 13.50 7.59 8.64
C THR A 107 13.35 7.54 8.61
N ILE A 108 12.85 8.74 8.51
N ILE A 108 12.70 8.70 8.49
CA ILE A 108 11.78 8.88 7.51
CA ILE A 108 11.67 8.91 7.47
C ILE A 108 12.33 8.74 6.10
C ILE A 108 12.30 8.82 6.08
N LEU A 109 13.49 9.37 5.86
N LEU A 109 13.48 9.41 5.90
CA LEU A 109 14.12 9.28 4.55
CA LEU A 109 14.15 9.37 4.60
C LEU A 109 14.57 7.86 4.24
C LEU A 109 14.56 7.95 4.23
N ALA A 110 15.11 7.18 5.24
N ALA A 110 15.07 7.19 5.20
CA ALA A 110 15.46 5.75 5.06
CA ALA A 110 15.43 5.79 4.95
C ALA A 110 14.25 4.90 4.71
C ALA A 110 14.21 4.95 4.62
N LEU A 111 13.13 5.14 5.38
N LEU A 111 13.08 5.18 5.31
CA LEU A 111 11.91 4.38 5.10
CA LEU A 111 11.87 4.41 5.04
C LEU A 111 11.39 4.64 3.70
C LEU A 111 11.30 4.69 3.66
N VAL A 112 11.24 5.92 3.35
N VAL A 112 11.22 5.98 3.29
CA VAL A 112 10.69 6.29 2.05
CA VAL A 112 10.69 6.37 1.99
C VAL A 112 11.60 5.83 0.91
C VAL A 112 11.59 5.88 0.86
N GLY A 113 12.90 5.93 1.13
N GLY A 113 12.92 5.95 1.07
CA GLY A 113 13.88 5.50 0.16
CA GLY A 113 13.83 5.49 0.05
C GLY A 113 13.85 3.99 -0.06
C GLY A 113 13.81 3.99 -0.15
N ALA A 114 13.83 3.24 1.03
N ALA A 114 13.75 3.23 0.94
CA ALA A 114 13.74 1.78 0.92
CA ALA A 114 13.67 1.77 0.82
C ALA A 114 12.43 1.39 0.24
C ALA A 114 12.34 1.35 0.22
N ASP A 115 11.36 2.12 0.54
N ASP A 115 11.27 2.10 0.51
CA ASP A 115 10.05 1.85 -0.05
CA ASP A 115 9.97 1.83 -0.09
C ASP A 115 10.08 2.09 -1.57
C ASP A 115 9.99 2.08 -1.60
N GLY A 116 10.72 3.18 -1.97
N GLY A 116 10.65 3.18 -2.01
CA GLY A 116 10.90 3.46 -3.39
CA GLY A 116 10.82 3.45 -3.42
C GLY A 116 11.66 2.36 -4.10
C GLY A 116 11.62 2.38 -4.13
N ILE A 117 12.71 1.87 -3.46
N ILE A 117 12.66 1.87 -3.48
CA ILE A 117 13.46 0.76 -4.04
CA ILE A 117 13.45 0.78 -4.05
C ILE A 117 12.59 -0.49 -4.15
C ILE A 117 12.61 -0.48 -4.18
N MET A 118 11.83 -0.76 -3.09
N MET A 118 11.79 -0.77 -3.16
CA MET A 118 10.91 -1.89 -3.07
CA MET A 118 10.89 -1.93 -3.17
C MET A 118 9.93 -1.87 -4.24
C MET A 118 9.92 -1.88 -4.35
N ILE A 119 9.24 -0.75 -4.43
N ILE A 119 9.26 -0.74 -4.53
CA ILE A 119 8.26 -0.68 -5.51
CA ILE A 119 8.25 -0.61 -5.59
C ILE A 119 8.95 -0.63 -6.87
C ILE A 119 8.93 -0.58 -6.98
N GLY A 120 10.03 0.13 -6.98
N GLY A 120 10.06 0.13 -7.10
CA GLY A 120 10.69 0.29 -8.27
CA GLY A 120 10.73 0.22 -8.38
C GLY A 120 11.25 -1.03 -8.78
C GLY A 120 11.29 -1.10 -8.87
N THR A 121 11.85 -1.81 -7.89
N THR A 121 11.92 -1.87 -7.97
CA THR A 121 12.40 -3.10 -8.31
CA THR A 121 12.41 -3.18 -8.35
C THR A 121 11.28 -4.10 -8.57
C THR A 121 11.27 -4.16 -8.60
N GLY A 122 10.15 -3.98 -7.88
N GLY A 122 10.14 -4.02 -7.89
CA GLY A 122 8.98 -4.82 -8.18
CA GLY A 122 8.97 -4.81 -8.22
C GLY A 122 8.47 -4.56 -9.58
C GLY A 122 8.43 -4.53 -9.62
N LEU A 123 8.48 -3.29 -9.99
N LEU A 123 8.44 -3.25 -10.02
CA LEU A 123 8.05 -2.87 -11.33
CA LEU A 123 8.01 -2.89 -11.36
C LEU A 123 8.97 -3.45 -12.40
C LEU A 123 8.93 -3.45 -12.43
N VAL A 124 10.26 -3.31 -12.18
N VAL A 124 10.25 -3.35 -12.19
CA VAL A 124 11.24 -3.90 -13.12
CA VAL A 124 11.24 -3.89 -13.13
C VAL A 124 11.03 -5.40 -13.22
C VAL A 124 11.08 -5.41 -13.27
N GLY A 125 10.84 -6.08 -12.09
N GLY A 125 10.90 -6.11 -12.14
CA GLY A 125 10.61 -7.51 -12.13
CA GLY A 125 10.69 -7.55 -12.20
C GLY A 125 9.35 -7.87 -12.89
C GLY A 125 9.37 -7.92 -12.85
N ALA A 126 8.32 -7.05 -12.73
N ALA A 126 8.36 -7.05 -12.74
CA ALA A 126 7.03 -7.32 -13.39
CA ALA A 126 7.10 -7.29 -13.43
C ALA A 126 7.15 -7.21 -14.91
C ALA A 126 7.25 -7.15 -14.94
N LEU A 127 8.07 -6.37 -15.36
N LEU A 127 8.10 -6.25 -15.40
CA LEU A 127 8.18 -6.07 -16.80
CA LEU A 127 8.26 -6.01 -16.84
C LEU A 127 9.36 -6.79 -17.46
C LEU A 127 9.44 -6.75 -17.47
N THR A 128 10.10 -7.56 -16.67
N THR A 128 10.15 -7.59 -16.71
CA THR A 128 11.31 -8.23 -17.18
CA THR A 128 11.34 -8.25 -17.23
C THR A 128 10.94 -9.43 -18.07
C THR A 128 10.96 -9.45 -18.09
N LYS A 129 11.58 -9.52 -19.24
N LYS A 129 11.55 -9.53 -19.30
CA LYS A 129 11.22 -10.56 -20.22
CA LYS A 129 11.23 -10.56 -20.28
C LYS A 129 11.97 -11.87 -20.05
C LYS A 129 11.99 -11.87 -20.05
N VAL A 130 13.09 -11.85 -19.34
N VAL A 130 13.12 -11.84 -19.34
CA VAL A 130 13.82 -13.07 -19.04
CA VAL A 130 13.84 -13.06 -18.99
C VAL A 130 13.27 -13.67 -17.75
C VAL A 130 13.23 -13.60 -17.70
N TYR A 131 12.58 -14.80 -17.87
N TYR A 131 12.73 -14.84 -17.75
CA TYR A 131 11.81 -15.36 -16.76
CA TYR A 131 11.87 -15.36 -16.69
C TYR A 131 12.59 -15.50 -15.47
C TYR A 131 12.61 -15.56 -15.38
N SER A 132 13.77 -16.11 -15.51
N SER A 132 13.87 -16.00 -15.46
CA SER A 132 14.52 -16.36 -14.30
CA SER A 132 14.64 -16.23 -14.24
C SER A 132 14.95 -15.06 -13.61
C SER A 132 15.01 -14.93 -13.52
N TYR A 133 15.14 -14.00 -14.40
N TYR A 133 15.19 -13.85 -14.28
CA TYR A 133 15.55 -12.70 -13.83
CA TYR A 133 15.61 -12.58 -13.69
C TYR A 133 14.42 -11.99 -13.06
C TYR A 133 14.50 -11.90 -12.88
N ARG A 134 13.17 -12.32 -13.37
N ARG A 134 13.24 -12.24 -13.20
CA ARG A 134 12.04 -11.73 -12.63
CA ARG A 134 12.09 -11.71 -12.47
C ARG A 134 12.15 -11.98 -11.15
C ARG A 134 12.17 -12.03 -10.97
N PHE A 135 12.70 -13.15 -10.80
N PHE A 135 12.63 -13.22 -10.63
CA PHE A 135 12.79 -13.55 -9.40
CA PHE A 135 12.77 -13.60 -9.23
C PHE A 135 13.99 -12.94 -8.71
C PHE A 135 13.98 -12.97 -8.55
N VAL A 136 14.97 -12.50 -9.49
N VAL A 136 15.02 -12.61 -9.32
CA VAL A 136 16.09 -11.75 -8.93
CA VAL A 136 16.12 -11.81 -8.77
C VAL A 136 15.57 -10.40 -8.43
C VAL A 136 15.60 -10.44 -8.32
N TRP A 137 14.73 -9.75 -9.23
N TRP A 137 14.79 -9.80 -9.17
CA TRP A 137 14.17 -8.47 -8.81
CA TRP A 137 14.21 -8.52 -8.79
C TRP A 137 13.21 -8.65 -7.63
C TRP A 137 13.21 -8.66 -7.64
N TRP A 138 12.43 -9.72 -7.64
N TRP A 138 12.47 -9.78 -7.62
CA TRP A 138 11.55 -10.05 -6.51
CA TRP A 138 11.59 -10.10 -6.50
C TRP A 138 12.36 -10.16 -5.21
C TRP A 138 12.37 -10.19 -5.18
N ALA A 139 13.52 -10.80 -5.28
N ALA A 139 13.54 -10.83 -5.22
CA ALA A 139 14.35 -10.99 -4.09
CA ALA A 139 14.36 -11.01 -4.03
C ALA A 139 14.91 -9.67 -3.55
C ALA A 139 14.91 -9.67 -3.51
N ILE A 140 15.38 -8.79 -4.44
N ILE A 140 15.35 -8.81 -4.43
CA ILE A 140 15.89 -7.48 -4.03
CA ILE A 140 15.84 -7.48 -4.04
C ILE A 140 14.76 -6.64 -3.41
C ILE A 140 14.71 -6.66 -3.40
N SER A 141 13.59 -6.63 -4.05
N SER A 141 13.51 -6.71 -4.01
CA SER A 141 12.41 -5.93 -3.52
CA SER A 141 12.36 -5.99 -3.47
C SER A 141 12.02 -6.44 -2.13
C SER A 141 11.95 -6.52 -2.09
N THR A 142 12.04 -7.75 -1.98
N THR A 142 12.03 -7.84 -1.90
CA THR A 142 11.68 -8.37 -0.69
CA THR A 142 11.67 -8.43 -0.62
C THR A 142 12.70 -8.01 0.39
C THR A 142 12.71 -8.08 0.46
N ALA A 143 13.97 -7.91 0.00
N ALA A 143 13.98 -7.93 0.08
CA ALA A 143 14.97 -7.45 0.97
CA ALA A 143 14.98 -7.45 1.04
C ALA A 143 14.70 -6.00 1.42
C ALA A 143 14.70 -6.01 1.47
N ALA A 144 14.28 -5.15 0.51
N ALA A 144 14.28 -5.15 0.53
CA ALA A 144 13.92 -3.78 0.88
CA ALA A 144 13.85 -3.80 0.88
C ALA A 144 12.70 -3.78 1.79
C ALA A 144 12.66 -3.81 1.85
N MET A 145 11.74 -4.67 1.53
N MET A 145 11.71 -4.72 1.61
CA MET A 145 10.58 -4.79 2.41
CA MET A 145 10.57 -4.85 2.52
C MET A 145 11.02 -5.18 3.82
C MET A 145 11.00 -5.31 3.91
N LEU A 146 11.91 -6.16 3.91
N LEU A 146 11.96 -6.23 3.98
CA LEU A 146 12.33 -6.67 5.21
CA LEU A 146 12.46 -6.70 5.28
C LEU A 146 13.04 -5.59 6.02
C LEU A 146 13.15 -5.59 6.05
N TYR A 147 13.78 -4.72 5.33
N TYR A 147 13.85 -4.70 5.33
CA TYR A 147 14.39 -3.56 5.98
CA TYR A 147 14.43 -3.52 6.00
C TYR A 147 13.31 -2.66 6.59
C TYR A 147 13.33 -2.62 6.58
N ILE A 148 12.29 -2.34 5.80
N ILE A 148 12.27 -2.40 5.80
CA ILE A 148 11.19 -1.51 6.27
CA ILE A 148 11.15 -1.56 6.26
C ILE A 148 10.51 -2.14 7.50
C ILE A 148 10.49 -2.16 7.50
N LEU A 149 10.24 -3.44 7.44
N LEU A 149 10.28 -3.48 7.49
CA LEU A 149 9.56 -4.09 8.55
CA LEU A 149 9.65 -4.14 8.65
C LEU A 149 10.46 -4.08 9.79
C LEU A 149 10.56 -4.12 9.87
N TYR A 150 11.77 -4.26 9.58
N TYR A 150 11.88 -4.24 9.65
CA TYR A 150 12.72 -4.20 10.69
CA TYR A 150 12.83 -4.10 10.75
C TYR A 150 12.65 -2.84 11.39
C TYR A 150 12.76 -2.72 11.39
N VAL A 151 12.67 -1.78 10.59
N VAL A 151 12.70 -1.67 10.55
CA VAL A 151 12.64 -0.43 11.15
CA VAL A 151 12.64 -0.31 11.08
C VAL A 151 11.34 -0.17 11.90
C VAL A 151 11.32 -0.07 11.80
N LEU A 152 10.22 -0.67 11.37
N LEU A 152 10.24 -0.67 11.29
CA LEU A 152 8.92 -0.46 12.00
CA LEU A 152 8.95 -0.56 11.96
C LEU A 152 8.84 -1.14 13.38
C LEU A 152 8.90 -1.31 13.28
N PHE A 153 9.68 -2.15 13.60
N PHE A 153 9.76 -2.32 13.48
CA PHE A 153 9.69 -2.89 14.86
CA PHE A 153 9.72 -3.08 14.72
C PHE A 153 10.80 -2.49 15.81
C PHE A 153 10.79 -2.72 15.75
N PHE A 154 11.99 -2.28 15.28
N PHE A 154 11.95 -2.19 15.33
CA PHE A 154 13.17 -2.09 16.14
CA PHE A 154 13.05 -1.99 16.26
C PHE A 154 13.73 -0.70 16.00
C PHE A 154 13.58 -0.55 16.29
N GLY A 155 12.87 0.24 15.60
N GLY A 155 12.97 0.35 15.52
CA GLY A 155 13.22 1.63 15.54
CA GLY A 155 13.28 1.75 15.61
C GLY A 155 12.05 2.51 15.92
C GLY A 155 12.04 2.59 15.84
N PHE A 156 10.83 1.99 15.70
N PHE A 156 10.89 1.94 15.81
CA PHE A 156 9.61 2.76 15.91
CA PHE A 156 9.59 2.61 15.84
C PHE A 156 8.87 2.34 17.17
C PHE A 156 8.71 2.23 17.01
N THR A 157 8.76 1.04 17.40
N THR A 157 8.80 0.98 17.48
CA THR A 157 7.98 0.51 18.51
CA THR A 157 7.97 0.53 18.60
C THR A 157 8.49 1.06 19.85
C THR A 157 8.44 1.16 19.91
N SER A 158 9.79 1.08 20.01
N SER A 158 9.72 1.06 20.22
CA SER A 158 10.42 1.64 21.21
CA SER A 158 10.24 1.60 21.48
C SER A 158 10.48 3.15 21.18
C SER A 158 10.27 3.11 21.50
N LYS A 159 10.04 3.76 20.08
N LYS A 159 10.30 3.77 20.34
CA LYS A 159 9.88 5.21 20.04
CA LYS A 159 10.09 5.21 20.30
C LYS A 159 8.47 5.57 20.51
C LYS A 159 8.66 5.58 20.70
N ALA A 160 7.51 4.72 20.16
N ALA A 160 7.67 4.80 20.25
CA ALA A 160 6.11 4.92 20.54
CA ALA A 160 6.29 5.05 20.64
C ALA A 160 5.91 4.89 22.05
C ALA A 160 6.01 4.60 22.07
N GLU A 161 6.71 4.08 22.74
N GLU A 161 6.90 3.77 22.63
CA GLU A 161 6.51 3.86 24.16
CA GLU A 161 6.79 3.37 24.02
C GLU A 161 6.89 5.07 25.02
C GLU A 161 6.98 4.55 24.98
N SER A 162 7.70 5.98 24.49
N SER A 162 7.70 5.59 24.56
CA SER A 162 8.04 7.20 25.21
CA SER A 162 7.97 6.75 25.40
C SER A 162 7.08 8.33 24.85
C SER A 162 7.19 7.99 25.00
N MET A 163 6.06 8.01 24.06
N MET A 163 6.06 7.83 24.32
CA MET A 163 5.09 9.00 23.64
CA MET A 163 5.17 8.94 24.00
C MET A 163 3.77 8.82 24.41
C MET A 163 3.88 8.83 24.81
N ARG A 164 2.76 9.61 24.07
N ARG A 164 2.90 9.66 24.43
CA ARG A 164 1.42 9.49 24.67
CA ARG A 164 1.50 9.58 24.87
C ARG A 164 0.92 8.05 24.58
C ARG A 164 0.96 8.17 24.68
N PRO A 165 0.17 7.61 25.61
N PRO A 165 0.16 7.66 25.62
CA PRO A 165 -0.39 6.25 25.58
CA PRO A 165 -0.29 6.25 25.53
C PRO A 165 -1.33 6.02 24.39
C PRO A 165 -1.26 5.99 24.38
N GLU A 166 -2.09 7.05 24.03
N GLU A 166 -2.02 7.00 23.97
CA GLU A 166 -3.03 6.90 22.92
CA GLU A 166 -2.94 6.82 22.86
C GLU A 166 -2.29 6.79 21.59
C GLU A 166 -2.20 6.62 21.54
N VAL A 167 -1.10 7.38 21.48
N VAL A 167 -1.11 7.35 21.32
CA VAL A 167 -0.39 7.27 20.22
CA VAL A 167 -0.33 7.15 20.11
C VAL A 167 0.37 5.95 20.21
C VAL A 167 0.42 5.82 20.19
N ALA A 168 0.83 5.51 21.39
N ALA A 168 0.75 5.36 21.40
CA ALA A 168 1.53 4.24 21.50
CA ALA A 168 1.42 4.07 21.57
C ALA A 168 0.62 3.07 21.19
C ALA A 168 0.51 2.91 21.19
N SER A 169 -0.62 3.12 21.67
N SER A 169 -0.73 2.93 21.69
CA SER A 169 -1.53 2.01 21.43
CA SER A 169 -1.66 1.84 21.38
C SER A 169 -2.04 2.02 19.99
C SER A 169 -2.12 1.88 19.93
N THR A 170 -2.29 3.20 19.45
N THR A 170 -2.43 3.07 19.41
CA THR A 170 -2.75 3.30 18.07
CA THR A 170 -2.88 3.20 18.03
C THR A 170 -1.63 2.88 17.10
C THR A 170 -1.76 2.81 17.05
N PHE A 171 -0.40 3.30 17.40
N PHE A 171 -0.52 3.20 17.37
CA PHE A 171 0.73 2.91 16.56
CA PHE A 171 0.61 2.81 16.53
C PHE A 171 0.91 1.39 16.54
C PHE A 171 0.88 1.32 16.59
N LYS A 172 0.87 0.78 17.72
N LYS A 172 0.70 0.70 17.76
CA LYS A 172 1.02 -0.67 17.84
CA LYS A 172 0.87 -0.74 17.88
C LYS A 172 0.01 -1.44 17.00
C LYS A 172 -0.12 -1.51 17.01
N VAL A 173 -1.25 -1.00 17.02
N VAL A 173 -1.39 -1.07 17.02
CA VAL A 173 -2.28 -1.66 16.23
CA VAL A 173 -2.40 -1.70 16.18
C VAL A 173 -2.02 -1.49 14.72
C VAL A 173 -2.09 -1.52 14.70
N LEU A 174 -1.65 -0.29 14.31
N LEU A 174 -1.81 -0.28 14.28
CA LEU A 174 -1.46 0.02 12.88
CA LEU A 174 -1.54 -0.02 12.86
C LEU A 174 -0.18 -0.61 12.34
C LEU A 174 -0.24 -0.66 12.40
N ARG A 175 0.82 -0.72 13.21
N ARG A 175 0.72 -0.82 13.29
CA ARG A 175 2.06 -1.43 12.91
CA ARG A 175 1.97 -1.51 12.97
C ARG A 175 1.77 -2.89 12.63
C ARG A 175 1.72 -2.99 12.71
N ASN A 176 0.96 -3.51 13.49
N ASN A 176 0.92 -3.64 13.56
CA ASN A 176 0.65 -4.93 13.35
CA ASN A 176 0.64 -5.06 13.36
C ASN A 176 -0.18 -5.21 12.11
C ASN A 176 -0.18 -5.29 12.08
N VAL A 177 -1.15 -4.34 11.83
N VAL A 177 -1.17 -4.42 11.83
CA VAL A 177 -1.95 -4.42 10.62
CA VAL A 177 -1.96 -4.48 10.61
C VAL A 177 -1.05 -4.32 9.39
C VAL A 177 -1.07 -4.29 9.38
N THR A 178 -0.13 -3.37 9.44
N THR A 178 -0.15 -3.32 9.46
CA THR A 178 0.75 -3.11 8.30
CA THR A 178 0.75 -3.01 8.34
C THR A 178 1.68 -4.28 8.03
C THR A 178 1.70 -4.18 8.04
N VAL A 179 2.34 -4.81 9.06
N VAL A 179 2.31 -4.76 9.08
CA VAL A 179 3.29 -5.90 8.86
CA VAL A 179 3.28 -5.83 8.86
C VAL A 179 2.63 -7.15 8.29
C VAL A 179 2.60 -7.08 8.29
N VAL A 180 1.47 -7.52 8.79
N VAL A 180 1.44 -7.46 8.87
CA VAL A 180 0.73 -8.68 8.30
CA VAL A 180 0.74 -8.65 8.42
C VAL A 180 0.23 -8.51 6.87
C VAL A 180 0.20 -8.47 6.99
N LEU A 181 -0.38 -7.36 6.59
N LEU A 181 -0.35 -7.30 6.68
CA LEU A 181 -0.96 -7.14 5.27
CA LEU A 181 -0.91 -7.10 5.35
C LEU A 181 0.13 -6.97 4.21
C LEU A 181 0.18 -6.89 4.29
N TRP A 182 1.17 -6.20 4.53
N TRP A 182 1.28 -6.24 4.66
CA TRP A 182 2.19 -5.90 3.54
CA TRP A 182 2.34 -5.98 3.68
C TRP A 182 2.99 -7.15 3.19
C TRP A 182 3.13 -7.24 3.35
N SER A 183 3.17 -8.05 4.17
N SER A 183 3.27 -8.17 4.30
CA SER A 183 3.94 -9.27 3.93
CA SER A 183 4.01 -9.39 4.02
C SER A 183 3.26 -10.23 2.96
C SER A 183 3.29 -10.31 3.02
N ALA A 184 1.94 -10.12 2.83
N ALA A 184 1.98 -10.13 2.82
CA ALA A 184 1.21 -10.95 1.88
CA ALA A 184 1.25 -11.01 1.92
C ALA A 184 1.48 -10.57 0.41
C ALA A 184 1.50 -10.69 0.45
N TYR A 185 1.78 -9.30 0.14
N TYR A 185 1.87 -9.43 0.16
CA TYR A 185 1.95 -8.87 -1.24
CA TYR A 185 2.07 -8.99 -1.23
C TYR A 185 3.06 -9.65 -2.01
C TYR A 185 3.17 -9.74 -1.99
N PRO A 186 4.28 -9.78 -1.43
N PRO A 186 4.39 -9.98 -1.46
CA PRO A 186 5.27 -10.55 -2.21
CA PRO A 186 5.36 -10.76 -2.25
C PRO A 186 4.88 -12.01 -2.42
C PRO A 186 4.96 -12.21 -2.45
N VAL A 187 4.08 -12.58 -1.54
N VAL A 187 4.19 -12.79 -1.53
CA VAL A 187 3.67 -13.97 -1.71
CA VAL A 187 3.70 -14.16 -1.71
C VAL A 187 2.71 -14.11 -2.88
C VAL A 187 2.71 -14.23 -2.87
N VAL A 188 1.74 -13.19 -2.96
N VAL A 188 1.76 -13.29 -2.92
CA VAL A 188 0.74 -13.22 -4.03
CA VAL A 188 0.77 -13.25 -4.00
C VAL A 188 1.41 -13.00 -5.39
C VAL A 188 1.45 -12.98 -5.34
N TRP A 189 2.35 -12.06 -5.45
N TRP A 189 2.45 -12.09 -5.35
CA TRP A 189 3.13 -11.81 -6.67
CA TRP A 189 3.22 -11.84 -6.57
C TRP A 189 3.87 -13.07 -7.11
C TRP A 189 3.98 -13.09 -7.01
N LEU A 190 4.50 -13.74 -6.15
N LEU A 190 4.53 -13.84 -6.05
CA LEU A 190 5.35 -14.89 -6.46
CA LEU A 190 5.35 -15.00 -6.36
C LEU A 190 4.54 -16.06 -7.01
C LEU A 190 4.51 -16.15 -6.91
N ILE A 191 3.35 -16.29 -6.46
N ILE A 191 3.31 -16.37 -6.37
CA ILE A 191 2.54 -17.43 -6.90
CA ILE A 191 2.49 -17.49 -6.82
C ILE A 191 1.56 -17.08 -8.01
C ILE A 191 1.52 -17.12 -7.94
N GLY A 192 1.40 -15.78 -8.26
N GLY A 192 1.36 -15.84 -8.25
CA GLY A 192 0.45 -15.29 -9.24
CA GLY A 192 0.39 -15.40 -9.23
C GLY A 192 1.04 -15.12 -10.62
C GLY A 192 0.97 -15.27 -10.62
N SER A 193 0.31 -14.42 -11.48
N SER A 193 0.30 -14.46 -11.44
CA SER A 193 0.65 -14.32 -12.90
CA SER A 193 0.61 -14.33 -12.86
C SER A 193 1.98 -13.63 -13.19
C SER A 193 1.96 -13.69 -13.11
N GLU A 194 2.43 -12.80 -12.25
N GLU A 194 2.45 -12.83 -12.21
CA GLU A 194 3.75 -12.15 -12.37
CA GLU A 194 3.74 -12.20 -12.40
C GLU A 194 4.92 -13.08 -12.11
C GLU A 194 4.90 -13.15 -12.09
N GLY A 195 4.67 -14.13 -11.31
N GLY A 195 4.64 -14.19 -11.30
CA GLY A 195 5.73 -15.04 -10.88
CA GLY A 195 5.69 -15.10 -10.88
C GLY A 195 5.56 -16.44 -11.43
C GLY A 195 5.57 -16.50 -11.45
N ALA A 196 5.29 -17.40 -10.54
N ALA A 196 5.23 -17.47 -10.59
CA ALA A 196 5.24 -18.81 -10.93
CA ALA A 196 5.22 -18.86 -10.99
C ALA A 196 3.96 -19.20 -11.68
C ALA A 196 3.95 -19.28 -11.73
N GLY A 197 2.93 -18.37 -11.62
N GLY A 197 2.91 -18.44 -11.74
CA GLY A 197 1.73 -18.60 -12.41
CA GLY A 197 1.71 -18.78 -12.46
C GLY A 197 0.84 -19.74 -11.93
C GLY A 197 0.90 -19.91 -11.86
N ILE A 198 0.92 -20.06 -10.64
N ILE A 198 0.98 -20.09 -10.54
CA ILE A 198 0.13 -21.14 -10.05
CA ILE A 198 0.21 -21.12 -9.87
C ILE A 198 -1.31 -20.73 -9.76
C ILE A 198 -1.24 -20.70 -9.71
N VAL A 199 -1.46 -19.48 -9.33
N VAL A 199 -1.45 -19.44 -9.34
CA VAL A 199 -2.78 -18.92 -9.07
CA VAL A 199 -2.78 -18.87 -9.14
C VAL A 199 -3.18 -18.07 -10.28
C VAL A 199 -3.16 -18.05 -10.37
N PRO A 200 -4.38 -18.27 -10.82
N PRO A 200 -4.34 -18.26 -10.96
CA PRO A 200 -4.78 -17.52 -12.02
CA PRO A 200 -4.74 -17.47 -12.12
C PRO A 200 -5.02 -16.04 -11.75
C PRO A 200 -5.04 -16.02 -11.75
N LEU A 201 -4.94 -15.23 -12.80
N LEU A 201 -5.19 -15.21 -12.81
CA LEU A 201 -5.03 -13.78 -12.68
CA LEU A 201 -5.19 -13.75 -12.66
C LEU A 201 -6.31 -13.30 -12.00
C LEU A 201 -6.46 -13.24 -11.96
N ASN A 202 -7.45 -13.93 -12.27
N ASN A 202 -7.59 -13.94 -12.11
CA ASN A 202 -8.68 -13.48 -11.65
CA ASN A 202 -8.81 -13.49 -11.46
C ASN A 202 -8.65 -13.65 -10.13
C ASN A 202 -8.73 -13.64 -9.94
N ILE A 203 -8.13 -14.76 -9.65
N ILE A 203 -8.20 -14.77 -9.47
CA ILE A 203 -8.00 -14.93 -8.20
CA ILE A 203 -8.03 -14.99 -8.04
C ILE A 203 -6.94 -14.01 -7.61
C ILE A 203 -6.96 -14.07 -7.47
N GLU A 204 -5.81 -13.87 -8.30
N GLU A 204 -5.89 -13.85 -8.24
CA GLU A 204 -4.78 -12.92 -7.91
CA GLU A 204 -4.83 -12.92 -7.83
C GLU A 204 -5.37 -11.50 -7.74
C GLU A 204 -5.36 -11.49 -7.73
N THR A 205 -6.22 -11.11 -8.68
N THR A 205 -6.21 -11.10 -8.67
CA THR A 205 -6.79 -9.76 -8.66
CA THR A 205 -6.82 -9.77 -8.62
C THR A 205 -7.69 -9.56 -7.45
C THR A 205 -7.74 -9.64 -7.41
N LEU A 206 -8.48 -10.60 -7.14
N LEU A 206 -8.48 -10.70 -7.09
CA LEU A 206 -9.29 -10.63 -5.92
CA LEU A 206 -9.33 -10.72 -5.90
C LEU A 206 -8.44 -10.45 -4.68
C LEU A 206 -8.51 -10.56 -4.61
N LEU A 207 -7.37 -11.23 -4.58
N LEU A 207 -7.39 -11.28 -4.52
CA LEU A 207 -6.48 -11.19 -3.42
CA LEU A 207 -6.52 -11.19 -3.35
C LEU A 207 -5.88 -9.79 -3.20
C LEU A 207 -5.90 -9.81 -3.21
N PHE A 208 -5.35 -9.18 -4.26
N PHE A 208 -5.43 -9.24 -4.33
CA PHE A 208 -4.82 -7.82 -4.16
CA PHE A 208 -4.86 -7.89 -4.29
C PHE A 208 -5.89 -6.81 -3.81
C PHE A 208 -5.90 -6.85 -3.94
N MET A 209 -7.11 -7.02 -4.27
N MET A 209 -7.15 -7.05 -4.37
CA MET A 209 -8.18 -6.09 -3.96
CA MET A 209 -8.22 -6.11 -4.03
C MET A 209 -8.51 -6.13 -2.47
C MET A 209 -8.54 -6.14 -2.53
N VAL A 210 -8.64 -7.33 -1.91
N VAL A 210 -8.58 -7.36 -1.95
CA VAL A 210 -8.84 -7.43 -0.46
CA VAL A 210 -8.82 -7.49 -0.51
C VAL A 210 -7.70 -6.83 0.36
C VAL A 210 -7.70 -6.84 0.28
N LEU A 211 -6.47 -7.12 -0.03
N LEU A 211 -6.44 -7.10 -0.10
CA LEU A 211 -5.31 -6.54 0.65
CA LEU A 211 -5.29 -6.52 0.58
C LEU A 211 -5.32 -5.02 0.52
C LEU A 211 -5.26 -5.00 0.46
N ASP A 212 -5.54 -4.51 -0.69
N ASP A 212 -5.54 -4.48 -0.75
CA ASP A 212 -5.50 -3.06 -0.92
CA ASP A 212 -5.49 -3.04 -0.97
C ASP A 212 -6.56 -2.31 -0.10
C ASP A 212 -6.57 -2.32 -0.17
N VAL A 213 -7.78 -2.81 -0.09
N VAL A 213 -7.80 -2.85 -0.20
CA VAL A 213 -8.86 -2.14 0.65
CA VAL A 213 -8.91 -2.22 0.52
C VAL A 213 -8.56 -2.17 2.14
C VAL A 213 -8.65 -2.26 2.02
N SER A 214 -8.09 -3.31 2.63
N SER A 214 -8.13 -3.39 2.53
CA SER A 214 -7.73 -3.47 4.04
CA SER A 214 -7.79 -3.47 3.95
C SER A 214 -6.56 -2.57 4.46
C SER A 214 -6.69 -2.48 4.32
N ALA A 215 -5.54 -2.48 3.59
N ALA A 215 -5.52 -2.56 3.66
CA ALA A 215 -4.33 -1.74 3.90
CA ALA A 215 -4.37 -1.74 3.98
C ALA A 215 -4.52 -0.24 3.78
C ALA A 215 -4.55 -0.26 3.70
N LYS A 216 -5.58 0.17 3.08
N LYS A 216 -5.58 0.14 2.94
CA LYS A 216 -5.82 1.59 2.83
CA LYS A 216 -5.86 1.57 2.80
C LYS A 216 -7.06 2.08 3.57
C LYS A 216 -7.07 2.01 3.60
N VAL A 217 -8.23 1.57 3.20
N VAL A 217 -8.26 1.45 3.31
CA VAL A 217 -9.45 2.00 3.86
CA VAL A 217 -9.48 1.94 3.94
C VAL A 217 -9.54 1.44 5.29
C VAL A 217 -9.58 1.48 5.40
N GLY A 218 -9.20 0.17 5.45
N GLY A 218 -9.19 0.22 5.69
CA GLY A 218 -9.15 -0.42 6.79
CA GLY A 218 -9.27 -0.24 7.06
C GLY A 218 -8.22 0.31 7.74
C GLY A 218 -8.23 0.41 7.96
N PHE A 219 -6.96 0.43 7.33
N PHE A 219 -7.01 0.56 7.43
CA PHE A 219 -5.95 1.24 8.01
CA PHE A 219 -5.96 1.36 8.07
C PHE A 219 -6.48 2.64 8.33
C PHE A 219 -6.47 2.76 8.40
N GLY A 220 -7.08 3.31 7.34
N GLY A 220 -7.12 3.41 7.42
CA GLY A 220 -7.50 4.69 7.52
CA GLY A 220 -7.62 4.75 7.64
C GLY A 220 -8.63 4.84 8.54
C GLY A 220 -8.77 4.82 8.62
N LEU A 221 -9.53 3.87 8.55
N LEU A 221 -9.60 3.77 8.64
CA LEU A 221 -10.63 3.83 9.51
CA LEU A 221 -10.70 3.72 9.61
C LEU A 221 -10.13 3.73 10.95
C LEU A 221 -10.19 3.56 11.02
N ILE A 222 -9.12 2.90 11.17
N ILE A 222 -9.12 2.78 11.21
CA ILE A 222 -8.50 2.77 12.50
CA ILE A 222 -8.52 2.68 12.54
C ILE A 222 -7.81 4.07 12.93
C ILE A 222 -7.83 3.99 12.92
N LEU A 223 -7.03 4.63 12.01
N LEU A 223 -7.17 4.63 11.96
CA LEU A 223 -6.24 5.81 12.32
CA LEU A 223 -6.38 5.82 12.26
C LEU A 223 -7.12 7.02 12.60
C LEU A 223 -7.27 7.03 12.57
N LEU A 224 -8.09 7.27 11.73
N LEU A 224 -8.20 7.36 11.68
CA LEU A 224 -8.85 8.52 11.78
CA LEU A 224 -8.97 8.60 11.80
C LEU A 224 -9.93 8.52 12.86
C LEU A 224 -10.05 8.54 12.87
N ARG A 225 -10.10 7.39 13.54
N ARG A 225 -10.26 7.38 13.51
CA ARG A 225 -11.04 7.31 14.65
CA ARG A 225 -11.13 7.26 14.67
C ARG A 225 -10.31 7.40 15.98
C ARG A 225 -10.38 7.41 15.98
N SER A 226 -8.98 7.53 15.92
N SER A 226 -9.05 7.50 15.93
CA SER A 226 -8.17 7.62 17.13
CA SER A 226 -8.21 7.57 17.13
C SER A 226 -7.96 9.07 17.56
C SER A 226 -7.98 9.01 17.56
N ARG A 227 -7.78 9.28 18.85
N ARG A 227 -7.86 9.19 18.87
CA ARG A 227 -7.53 10.60 19.37
CA ARG A 227 -7.51 10.49 19.46
C ARG A 227 -6.05 10.92 19.28
C ARG A 227 -6.03 10.81 19.30
N ALA A 228 -5.27 9.94 18.85
N ALA A 228 -5.23 9.86 18.83
CA ALA A 228 -3.83 10.12 18.70
CA ALA A 228 -3.79 10.05 18.64
C ALA A 228 -3.49 11.12 17.61
C ALA A 228 -3.45 11.05 17.55
N ILE A 229 -4.41 11.36 16.68
N ILE A 229 -4.38 11.34 16.64
CA ILE A 229 -4.10 12.25 15.57
CA ILE A 229 -4.08 12.25 15.54
C ILE A 229 -4.25 13.71 15.97
C ILE A 229 -4.22 13.71 15.93
N PHE A 230 -4.82 13.95 17.15
N PHE A 230 -4.85 14.01 17.06
CA PHE A 230 -4.97 15.32 17.62
CA PHE A 230 -4.96 15.36 17.56
C PHE A 230 -3.86 15.70 18.58
C PHE A 230 -3.81 15.64 18.53
N GLY A 231 -3.47 16.97 18.54
N GLY A 231 -3.26 16.85 18.43
CA GLY A 231 -2.52 17.48 19.51
CA GLY A 231 -2.31 17.30 19.42
C GLY A 231 -3.16 17.41 20.89
C GLY A 231 -2.97 17.43 20.79
N GLU A 232 -2.35 17.24 21.92
N GLU A 232 -2.18 17.19 21.82
CA GLU A 232 -2.92 17.25 23.26
CA GLU A 232 -2.73 17.20 23.18
C GLU A 232 -3.34 18.68 23.55
C GLU A 232 -3.06 18.63 23.58
N ALA A 233 -4.64 18.87 23.72
N ALA A 233 -4.35 18.95 23.60
CA ALA A 233 -5.19 20.20 23.91
CA ALA A 233 -4.83 20.30 23.89
C ALA A 233 -6.27 20.15 24.98
C ALA A 233 -5.96 20.22 24.90
N GLU A 234 -6.50 21.29 25.61
N GLU A 234 -6.31 21.38 25.44
CA GLU A 234 -7.54 21.38 26.62
CA GLU A 234 -7.39 21.46 26.43
C GLU A 234 -8.90 21.68 25.99
C GLU A 234 -8.71 21.80 25.77
C1 RET B . 5.99 -6.52 -4.68
C1 RET B . 6.17 -6.38 -4.80
C2 RET B . 6.85 -7.34 -5.63
C2 RET B . 7.22 -7.14 -5.60
C3 RET B . 7.57 -8.49 -5.00
C3 RET B . 7.55 -8.45 -4.92
C4 RET B . 8.43 -8.00 -3.86
C4 RET B . 8.28 -8.14 -3.62
C5 RET B . 7.62 -7.18 -2.89
C5 RET B . 7.55 -7.08 -2.81
C6 RET B . 6.50 -6.50 -3.24
C6 RET B . 6.54 -6.35 -3.31
C7 RET B . 5.81 -5.75 -2.15
C7 RET B . 5.71 -5.67 -2.27
C8 RET B . 4.70 -5.01 -2.31
C8 RET B . 4.68 -4.82 -2.31
C9 RET B . 4.00 -4.30 -1.23
C9 RET B . 3.94 -4.24 -1.19
C10 RET B . 2.87 -3.65 -1.55
C10 RET B . 2.89 -3.50 -1.56
C11 RET B . 2.02 -2.87 -0.65
C11 RET B . 1.96 -2.84 -0.67
C12 RET B . 0.96 -2.33 -1.26
C12 RET B . 0.93 -2.23 -1.27
C13 RET B . -0.01 -1.47 -0.56
C13 RET B . -0.14 -1.59 -0.51
C14 RET B . -0.95 -0.87 -1.32
C14 RET B . -1.25 -1.21 -1.17
C15 RET B . -1.93 0.03 -0.75
C15 RET B . -1.85 0.09 -0.92
C16 RET B . 6.07 -5.13 -5.31
C16 RET B . 6.13 -5.02 -5.47
C17 RET B . 4.56 -7.07 -4.78
C17 RET B . 4.83 -7.09 -4.97
C18 RET B . 8.17 -7.14 -1.49
C18 RET B . 8.04 -6.94 -1.40
C19 RET B . 4.54 -4.34 0.18
C19 RET B . 4.32 -4.47 0.24
C20 RET B . 0.08 -1.25 0.93
C20 RET B . -0.04 -1.44 0.98
C1 L2P C . 20.03 5.33 9.14
O1 L2P C . 18.92 6.11 9.64
C2 L2P C . 19.52 4.35 8.09
O2 L2P C . 20.15 4.61 6.83
C11 L2P C . 17.94 5.32 10.36
C41 L2P C . 20.46 3.40 6.08
C42 L2P C . 19.15 2.91 5.43
C43 L2P C . 19.39 2.37 4.02
C44 L2P C . 19.27 3.52 3.08
C45 L2P C . 18.34 1.35 3.65
C46 L2P C . 18.20 1.23 2.12
C47 L2P C . 18.81 -0.11 1.64
C48 L2P C . 17.67 -1.12 1.39
C49 L2P C . 17.78 -2.20 2.41
C50 L2P C . 17.82 -1.69 -0.02
C51 L2P C . 17.65 -3.23 -0.05
C52 L2P C . 18.42 -3.81 -1.25
C53 L2P C . 19.81 -3.19 -1.36
C54 L2P C . 20.01 -2.70 -2.76
C55 L2P C . 20.87 -4.22 -0.97
C56 L2P C . 21.85 -4.51 -2.15
C57 L2P C . 23.25 -4.91 -1.65
C58 L2P C . 23.44 -6.43 -1.65
C59 L2P C . 22.40 -7.15 -2.47
C60 L2P C . 24.85 -6.79 -2.21
C1 TRD D . 13.19 -9.04 9.88
C2 TRD D . 12.31 -8.04 10.60
C3 TRD D . 11.35 -8.78 11.52
C4 TRD D . 9.94 -8.33 11.26
C5 TRD D . 9.59 -8.63 9.81
C6 TRD D . 8.87 -9.97 9.71
C7 TRD D . 9.22 -10.61 8.36
C8 TRD D . 8.00 -11.28 7.78
C9 TRD D . 8.37 -12.00 6.50
C10 TRD D . 7.43 -11.61 5.39
C11 TRD D . 7.44 -12.66 4.29
C12 TRD D . 7.96 -12.06 3.01
C13 TRD D . 8.22 -13.16 1.99
C1 D10 E . -19.52 6.29 -5.77
C2 D10 E . -19.47 4.95 -6.49
C3 D10 E . -18.20 4.93 -7.33
C4 D10 E . -18.18 3.70 -8.19
C5 D10 E . -17.63 4.08 -9.54
C6 D10 E . -16.86 2.93 -10.14
C7 D10 E . -17.65 1.65 -10.01
C8 D10 E . -17.56 0.90 -11.32
C9 D10 E . -18.97 0.61 -11.80
C10 D10 E . -18.91 -0.18 -13.09
C20 HP6 F . -17.41 2.82 -16.16
C21 HP6 F . -17.19 4.28 -15.78
C22 HP6 F . -16.81 4.38 -14.32
C23 HP6 F . -16.51 5.82 -13.98
C24 HP6 F . -16.63 6.02 -12.49
C25 HP6 F . -16.43 7.48 -12.15
C26 HP6 F . -17.04 7.76 -10.79
C1 OCT G . -4.91 -8.18 11.00
C2 OCT G . -4.27 -8.46 12.34
C3 OCT G . -4.62 -7.34 13.31
C4 OCT G . -3.89 -7.55 14.62
C5 OCT G . -3.95 -6.31 15.46
C6 OCT G . -3.65 -6.66 16.90
C7 OCT G . -3.15 -5.43 17.64
C8 OCT G . -2.93 -5.79 19.10
C1 OCT H . 3.99 -10.86 11.74
C2 OCT H . 3.20 -11.97 11.08
C3 OCT H . 3.37 -11.89 9.57
C4 OCT H . 2.37 -12.80 8.91
C5 OCT H . 2.68 -12.97 7.44
C6 OCT H . 1.42 -13.37 6.70
C7 OCT H . 1.71 -13.49 5.22
C8 OCT H . 0.46 -13.95 4.51
C1 MYS I . -7.26 -22.46 -9.93
C2 MYS I . -6.81 -23.46 -8.89
C3 MYS I . -5.82 -22.80 -7.97
C4 MYS I . -6.50 -21.66 -7.22
C5 MYS I . -5.90 -21.53 -5.84
C6 MYS I . -7.01 -21.53 -4.83
C7 MYS I . -7.04 -20.19 -4.11
C8 MYS I . -6.13 -20.21 -2.90
C9 MYS I . -5.37 -18.91 -2.82
C10 MYS I . -4.46 -18.92 -1.60
C11 MYS I . -3.55 -17.71 -1.64
C12 MYS I . -2.43 -17.90 -0.62
C13 MYS I . -1.64 -16.61 -0.49
C14 MYS I . -2.20 -15.78 0.64
C15 MYS I . -1.09 -15.00 1.30
C1 UND J . 18.37 -15.18 -3.96
C2 UND J . 16.99 -15.50 -4.50
C3 UND J . 17.01 -15.43 -6.02
C4 UND J . 15.89 -16.29 -6.58
C5 UND J . 16.25 -16.69 -8.00
C6 UND J . 15.45 -17.93 -8.39
C7 UND J . 15.59 -18.17 -9.88
C8 UND J . 15.24 -19.61 -10.19
C9 UND J . 15.01 -19.76 -11.68
C10 UND J . 13.52 -19.83 -11.96
C11 UND J . 13.31 -20.06 -13.44
C1 L2P K . 8.56 -21.57 -11.62
O1 L2P K . 8.77 -21.39 -10.21
C11 L2P K . 9.93 -20.59 -9.87
C12 L2P K . 10.12 -20.62 -8.36
C13 L2P K . 10.77 -19.33 -7.91
C14 L2P K . 12.10 -19.19 -8.61
C15 L2P K . 11.00 -19.36 -6.40
C16 L2P K . 12.08 -18.33 -6.00
C17 L2P K . 11.62 -17.60 -4.72
C18 L2P K . 12.23 -18.24 -3.51
C19 L2P K . 11.14 -18.70 -2.58
C20 L2P K . 13.10 -17.21 -2.77
C21 L2P K . 13.67 -17.81 -1.48
C22 L2P K . 13.72 -16.76 -0.36
C23 L2P K . 14.65 -15.63 -0.73
C24 L2P K . 15.99 -16.19 -1.12
C25 L2P K . 14.85 -14.73 0.51
C26 L2P K . 14.74 -13.22 0.13
C27 L2P K . 16.10 -12.71 -0.38
C28 L2P K . 16.46 -11.37 0.29
C29 L2P K . 16.34 -11.51 1.80
C30 L2P K . 17.91 -11.02 -0.04
C1 L2P L . 1.23 4.87 -20.07
O1 L2P L . 2.56 5.17 -19.60
C2 L2P L . 1.28 3.75 -21.12
O2 L2P L . 2.52 3.05 -21.01
C3 L2P L . 1.14 4.37 -22.47
O3 L2P L . 0.00 5.20 -22.52
C11 L2P L . 2.87 6.59 -19.58
C12 L2P L . 3.10 7.06 -18.14
C13 L2P L . 1.79 7.06 -17.39
C14 L2P L . 0.77 7.84 -18.17
C15 L2P L . 1.98 7.73 -16.03
C16 L2P L . 0.74 7.44 -15.17
C17 L2P L . 0.82 8.30 -13.88
C18 L2P L . -0.45 8.14 -13.09
C19 L2P L . -1.61 8.26 -14.00
C20 L2P L . -0.57 9.27 -12.03
C21 L2P L . -2.01 9.31 -11.50
C22 L2P L . -2.19 10.40 -10.42
C23 L2P L . -1.12 10.22 -9.35
C24 L2P L . -1.31 8.89 -8.70
C25 L2P L . -1.24 11.33 -8.29
C26 L2P L . 0.14 11.53 -7.63
C27 L2P L . -0.03 11.85 -6.12
C28 L2P L . 0.94 12.97 -5.68
C29 L2P L . 1.32 12.77 -4.22
C30 L2P L . 2.21 12.93 -6.52
C41 L2P L . 2.55 1.77 -21.68
C42 L2P L . 2.78 0.65 -20.64
C43 L2P L . 4.17 0.79 -20.02
C44 L2P L . 4.77 -0.57 -19.85
C45 L2P L . 4.03 1.51 -18.69
C46 L2P L . 4.96 0.94 -17.59
C47 L2P L . 5.69 2.10 -16.85
C48 L2P L . 4.77 2.80 -15.84
C49 L2P L . 4.44 4.15 -16.35
C50 L2P L . 5.49 2.94 -14.50
C51 L2P L . 4.67 3.87 -13.56
C52 L2P L . 5.61 4.91 -12.90
C53 L2P L . 4.83 6.07 -12.27
C54 L2P L . 3.49 6.20 -12.92
C55 L2P L . 5.59 7.37 -12.43
C56 L2P L . 4.63 8.59 -12.31
C57 L2P L . 4.78 9.50 -13.55
C58 L2P L . 3.98 10.82 -13.40
C59 L2P L . 3.22 11.10 -14.67
C60 L2P L . 2.98 10.75 -12.21
C1 DD9 M . -12.97 0.93 13.03
C2 DD9 M . -13.40 -0.19 12.09
C3 DD9 M . -12.35 -0.38 11.03
C4 DD9 M . -12.30 -1.83 10.59
C5 DD9 M . -11.08 -2.02 9.71
C6 DD9 M . -10.59 -3.45 9.81
C7 DD9 M . -9.15 -3.51 9.35
C8 DD9 M . -8.82 -4.93 8.91
C9 DD9 M . -7.33 -5.07 8.75
C01 C14 N . 11.14 14.36 4.78
C02 C14 N . 10.43 13.26 4.04
C03 C14 N . 8.95 13.55 4.02
C04 C14 N . 8.18 12.38 3.44
C05 C14 N . 7.86 12.65 1.99
C06 C14 N . 6.74 11.74 1.54
C07 C14 N . 6.86 11.49 0.05
C08 C14 N . 5.63 10.77 -0.46
C09 C14 N . 5.55 10.93 -1.96
C10 C14 N . 6.32 9.82 -2.65
C11 C14 N . 7.66 10.33 -3.13
C12 C14 N . 8.48 9.19 -3.70
C13 C14 N . 8.04 8.92 -5.12
C14 C14 N . 9.15 8.19 -5.84
C1 OCT O . -19.40 11.74 8.56
C2 OCT O . -20.55 10.78 8.55
C3 OCT O . -20.69 10.14 7.17
C4 OCT O . -21.10 11.20 6.16
C5 OCT O . -21.55 10.56 4.87
C6 OCT O . -20.39 9.88 4.17
C7 OCT O . -20.54 10.05 2.67
C8 OCT O . -20.05 8.79 1.97
C1 UND P . 19.47 -0.18 10.57
C2 UND P . 20.03 -1.56 10.87
C3 UND P . 19.93 -2.42 9.62
C4 UND P . 20.36 -3.84 9.97
C5 UND P . 20.10 -4.76 8.81
C6 UND P . 18.61 -5.09 8.72
C7 UND P . 18.42 -6.48 8.14
C8 UND P . 17.71 -6.41 6.80
C9 UND P . 18.62 -5.78 5.76
C10 UND P . 18.29 -6.31 4.39
C11 UND P . 19.28 -5.76 3.38
#